data_5VZ5
#
_entry.id   5VZ5
#
_cell.length_a   112.890
_cell.length_b   112.890
_cell.length_c   177.380
_cell.angle_alpha   90.00
_cell.angle_beta   90.00
_cell.angle_gamma   120.00
#
_symmetry.space_group_name_H-M   'P 61 2 2'
#
loop_
_entity.id
_entity.type
_entity.pdbx_description
1 polymer 'HLA class I histocompatibility antigen, B-15 alpha chain'
2 polymer Beta-2-microglobulin
3 polymer 'Tyrosine-protein kinase receptor'
4 non-polymer GLYCEROL
5 non-polymer 'SULFATE ION'
6 water water
#
loop_
_entity_poly.entity_id
_entity_poly.type
_entity_poly.pdbx_seq_one_letter_code
_entity_poly.pdbx_strand_id
1 'polypeptide(L)'
;GSHSMRYFYTAMSRPGRGEPRFIAVGYVDDTQFVRFDSDAASPRMAPRAPWIEQEGPEYWDRETQISKTNTQTYRESLRN
LRGYYNQSEAGSHTLQRMYGCDVGPDGRLLRGHDQSAYDGKDYIALNEDLSSWTAADTAAQITQRKWEAAREAEQWRAYL
EGLCVEWLRRYLENGKETLQRADPPKTHVTHHPISDHEATLRCWALGFYPAEITLTWQRDGEDQTQDTELVETRPAGDRT
FQKWAAVVVPSGEEQRYTCHVQHEGLPKPLTLRWEPSSQS
;
A
2 'polypeptide(L)'
;MIQRTPKIQVYSRHPAENGKSNFLNCYVSGFHPSDIEVDLLKNGERIEKVEHSDLSFSKDWSFYLLYYTEFTPTEKDEYA
CRVNHVTLSQPKIVKWDRDM
;
B
3 'polypeptide(L)' AQDIYRASYY C
#
# COMPACT_ATOMS: atom_id res chain seq x y z
N GLY A 1 -17.63 1.65 10.40
CA GLY A 1 -16.77 0.88 11.28
C GLY A 1 -15.65 1.74 11.83
N SER A 2 -14.58 1.10 12.32
CA SER A 2 -13.41 1.81 12.82
C SER A 2 -12.70 2.54 11.69
N HIS A 3 -11.92 3.55 12.06
CA HIS A 3 -11.17 4.32 11.07
C HIS A 3 -9.77 4.64 11.58
N SER A 4 -8.85 4.82 10.66
CA SER A 4 -7.45 4.97 11.01
C SER A 4 -6.81 6.05 10.14
N MET A 5 -5.96 6.86 10.75
CA MET A 5 -5.05 7.73 10.03
C MET A 5 -3.64 7.20 10.21
N ARG A 6 -2.87 7.20 9.14
CA ARG A 6 -1.50 6.72 9.19
C ARG A 6 -0.63 7.61 8.35
N TYR A 7 0.54 7.94 8.87
CA TYR A 7 1.59 8.53 8.06
C TYR A 7 2.69 7.50 7.91
N PHE A 8 3.13 7.27 6.67
CA PHE A 8 4.23 6.36 6.38
C PHE A 8 5.42 7.19 5.89
N TYR A 9 6.55 7.08 6.60
CA TYR A 9 7.77 7.81 6.27
C TYR A 9 8.83 6.83 5.79
N THR A 10 9.47 7.12 4.65
CA THR A 10 10.68 6.41 4.26
C THR A 10 11.83 7.39 4.08
N ALA A 11 12.96 7.06 4.70
CA ALA A 11 14.18 7.85 4.64
C ALA A 11 15.29 6.92 4.20
N MET A 12 15.91 7.21 3.05
CA MET A 12 16.91 6.30 2.47
C MET A 12 18.16 7.08 2.13
N SER A 13 19.26 6.78 2.81
CA SER A 13 20.56 7.28 2.36
C SER A 13 20.92 6.65 1.01
N ARG A 14 21.65 7.40 0.19
CA ARG A 14 22.19 6.89 -1.08
C ARG A 14 23.60 7.42 -1.24
N PRO A 15 24.53 6.94 -0.42
CA PRO A 15 25.87 7.53 -0.37
C PRO A 15 26.55 7.55 -1.74
N GLY A 16 27.11 8.71 -2.08
CA GLY A 16 27.81 8.88 -3.33
C GLY A 16 26.85 9.14 -4.47
N ARG A 17 25.58 8.82 -4.25
CA ARG A 17 24.54 9.04 -5.25
C ARG A 17 23.75 10.32 -5.02
N GLY A 18 23.58 10.74 -3.78
CA GLY A 18 22.86 11.96 -3.49
C GLY A 18 22.67 12.13 -2.00
N GLU A 19 21.91 13.16 -1.64
CA GLU A 19 21.50 13.31 -0.24
C GLU A 19 20.45 12.25 0.10
N PRO A 20 20.32 11.88 1.37
CA PRO A 20 19.25 10.95 1.75
C PRO A 20 17.89 11.46 1.27
N ARG A 21 17.07 10.54 0.80
CA ARG A 21 15.76 10.89 0.27
C ARG A 21 14.70 10.61 1.32
N PHE A 22 13.72 11.51 1.42
CA PHE A 22 12.63 11.40 2.39
C PHE A 22 11.30 11.48 1.67
N ILE A 23 10.46 10.44 1.84
CA ILE A 23 9.11 10.40 1.29
C ILE A 23 8.13 10.17 2.43
N ALA A 24 7.08 10.98 2.48
CA ALA A 24 5.95 10.73 3.36
C ALA A 24 4.67 10.56 2.52
N VAL A 25 3.87 9.54 2.87
CA VAL A 25 2.50 9.45 2.40
C VAL A 25 1.60 9.40 3.62
N GLY A 26 0.39 9.95 3.49
CA GLY A 26 -0.63 9.84 4.51
C GLY A 26 -1.84 9.08 3.99
N TYR A 27 -2.48 8.35 4.89
CA TYR A 27 -3.67 7.58 4.56
C TYR A 27 -4.75 7.83 5.61
N VAL A 28 -5.99 7.94 5.15
CA VAL A 28 -7.16 7.65 5.98
C VAL A 28 -7.73 6.32 5.48
N ASP A 29 -7.81 5.34 6.38
CA ASP A 29 -8.29 4.00 6.02
C ASP A 29 -7.42 3.50 4.87
N ASP A 30 -8.00 3.12 3.74
CA ASP A 30 -7.21 2.67 2.60
C ASP A 30 -7.07 3.75 1.54
N THR A 31 -7.39 5.00 1.85
CA THR A 31 -7.29 6.09 0.89
C THR A 31 -6.07 6.94 1.19
N GLN A 32 -5.17 7.06 0.22
CA GLN A 32 -4.03 7.97 0.34
C GLN A 32 -4.51 9.39 0.08
N PHE A 33 -4.07 10.35 0.91
CA PHE A 33 -4.57 11.70 0.75
C PHE A 33 -3.51 12.77 0.62
N VAL A 34 -2.29 12.54 1.08
CA VAL A 34 -1.21 13.51 0.92
C VAL A 34 0.04 12.77 0.50
N ARG A 35 1.00 13.53 -0.02
CA ARG A 35 2.27 12.98 -0.44
C ARG A 35 3.32 14.07 -0.35
N PHE A 36 4.53 13.67 0.05
CA PHE A 36 5.69 14.55 0.05
C PHE A 36 6.91 13.74 -0.38
N ASP A 37 7.75 14.34 -1.22
CA ASP A 37 8.93 13.68 -1.77
C ASP A 37 10.04 14.72 -1.83
N SER A 38 11.10 14.49 -1.07
CA SER A 38 12.18 15.46 -0.98
C SER A 38 12.97 15.59 -2.28
N ASP A 39 12.73 14.74 -3.28
CA ASP A 39 13.34 14.85 -4.59
C ASP A 39 12.44 15.60 -5.60
N ALA A 40 11.33 16.16 -5.16
CA ALA A 40 10.39 16.77 -6.09
C ALA A 40 10.96 18.06 -6.68
N ALA A 41 10.29 18.56 -7.73
CA ALA A 41 10.66 19.79 -8.42
C ALA A 41 10.96 20.86 -7.39
N SER A 42 9.95 21.30 -6.66
CA SER A 42 10.14 22.01 -5.40
C SER A 42 9.36 21.25 -4.33
N PRO A 43 10.04 20.66 -3.34
CA PRO A 43 9.35 19.78 -2.38
C PRO A 43 8.19 20.50 -1.69
N ARG A 44 6.99 19.98 -1.90
CA ARG A 44 5.77 20.47 -1.27
C ARG A 44 4.95 19.28 -0.80
N MET A 45 4.20 19.50 0.28
CA MET A 45 3.13 18.57 0.59
C MET A 45 2.06 18.71 -0.49
N ALA A 46 1.61 17.59 -1.07
CA ALA A 46 0.74 17.61 -2.25
C ALA A 46 -0.50 16.75 -2.06
N PRO A 47 -1.66 17.23 -2.52
CA PRO A 47 -2.90 16.50 -2.29
C PRO A 47 -3.00 15.28 -3.18
N ARG A 48 -3.80 14.31 -2.71
CA ARG A 48 -3.99 13.08 -3.48
C ARG A 48 -5.33 12.43 -3.17
N ALA A 49 -6.27 13.17 -2.60
CA ALA A 49 -7.65 12.76 -2.48
C ALA A 49 -8.51 14.00 -2.70
N PRO A 50 -9.71 13.84 -3.26
CA PRO A 50 -10.57 15.02 -3.47
C PRO A 50 -10.73 15.88 -2.23
N TRP A 51 -11.10 15.25 -1.10
CA TRP A 51 -11.58 15.96 0.08
C TRP A 51 -10.48 16.74 0.80
N ILE A 52 -9.21 16.40 0.59
CA ILE A 52 -8.14 17.14 1.24
C ILE A 52 -7.93 18.50 0.62
N GLU A 53 -8.53 18.73 -0.55
CA GLU A 53 -8.30 19.99 -1.24
C GLU A 53 -9.05 21.15 -0.59
N GLN A 54 -10.14 20.87 0.12
CA GLN A 54 -10.78 21.89 0.93
C GLN A 54 -9.81 22.66 1.84
N GLU A 55 -8.63 22.11 2.11
CA GLU A 55 -7.76 22.69 3.13
C GLU A 55 -7.10 23.96 2.62
N GLY A 56 -7.11 25.00 3.46
CA GLY A 56 -6.62 26.29 3.06
C GLY A 56 -5.11 26.31 2.87
N PRO A 57 -4.59 27.48 2.52
CA PRO A 57 -3.13 27.63 2.33
C PRO A 57 -2.35 27.48 3.63
N GLU A 58 -2.95 27.93 4.73
CA GLU A 58 -2.44 27.62 6.07
C GLU A 58 -2.04 26.17 6.31
N TYR A 59 -2.92 25.27 5.89
CA TYR A 59 -2.68 23.83 6.04
C TYR A 59 -1.48 23.36 5.23
N TRP A 60 -1.50 23.59 3.92
CA TRP A 60 -0.44 23.09 3.07
C TRP A 60 0.91 23.68 3.43
N ASP A 61 0.92 24.80 4.16
CA ASP A 61 2.18 25.36 4.64
C ASP A 61 2.73 24.56 5.82
N ARG A 62 1.89 24.29 6.81
CA ARG A 62 2.36 23.55 7.98
C ARG A 62 2.88 22.20 7.56
N GLU A 63 2.10 21.46 6.76
CA GLU A 63 2.49 20.12 6.36
C GLU A 63 3.74 20.13 5.49
N THR A 64 3.87 21.11 4.59
CA THR A 64 5.10 21.23 3.83
C THR A 64 6.28 21.56 4.74
N GLN A 65 6.06 22.47 5.70
CA GLN A 65 7.09 22.82 6.66
C GLN A 65 7.54 21.60 7.46
N ILE A 66 6.59 20.90 8.10
CA ILE A 66 6.89 19.69 8.85
C ILE A 66 7.67 18.70 7.99
N SER A 67 7.31 18.58 6.71
CA SER A 67 7.99 17.60 5.89
C SER A 67 9.36 18.10 5.46
N LYS A 68 9.50 19.41 5.26
CA LYS A 68 10.82 19.95 5.01
C LYS A 68 11.75 19.74 6.19
N THR A 69 11.25 19.95 7.43
CA THR A 69 12.17 19.66 8.53
C THR A 69 12.32 18.16 8.76
N ASN A 70 11.25 17.37 8.49
CA ASN A 70 11.40 15.91 8.46
C ASN A 70 12.58 15.52 7.58
N THR A 71 12.63 16.07 6.36
CA THR A 71 13.74 15.81 5.45
C THR A 71 15.07 16.13 6.09
N GLN A 72 15.17 17.27 6.78
CA GLN A 72 16.43 17.59 7.43
C GLN A 72 16.73 16.62 8.56
N THR A 73 15.75 16.38 9.46
CA THR A 73 16.04 15.63 10.68
C THR A 73 16.23 14.13 10.43
N TYR A 74 15.57 13.56 9.41
CA TYR A 74 15.74 12.12 9.19
C TYR A 74 17.12 11.83 8.61
N ARG A 75 17.72 12.79 7.89
CA ARG A 75 19.12 12.66 7.51
C ARG A 75 20.00 12.63 8.74
N GLU A 76 19.73 13.52 9.70
CA GLU A 76 20.40 13.42 10.97
C GLU A 76 20.15 12.07 11.64
N SER A 77 18.90 11.56 11.58
CA SER A 77 18.58 10.31 12.29
C SER A 77 19.29 9.12 11.66
N LEU A 78 19.41 9.10 10.33
CA LEU A 78 20.18 8.04 9.68
C LEU A 78 21.64 8.08 10.14
N ARG A 79 22.21 9.28 10.33
CA ARG A 79 23.60 9.38 10.79
C ARG A 79 23.75 8.81 12.21
N ASN A 80 22.80 9.13 13.11
CA ASN A 80 22.82 8.55 14.45
C ASN A 80 22.90 7.03 14.39
N LEU A 81 21.98 6.41 13.64
CA LEU A 81 21.94 4.96 13.56
C LEU A 81 23.17 4.41 12.86
N ARG A 82 23.62 5.09 11.80
CA ARG A 82 24.94 4.80 11.26
C ARG A 82 25.98 4.76 12.37
N GLY A 83 25.90 5.71 13.30
CA GLY A 83 26.76 5.74 14.47
C GLY A 83 26.41 4.69 15.50
N TYR A 84 25.11 4.51 15.80
CA TYR A 84 24.70 3.51 16.79
C TYR A 84 25.23 2.12 16.42
N TYR A 85 25.19 1.78 15.14
CA TYR A 85 25.56 0.45 14.69
C TYR A 85 26.99 0.38 14.16
N ASN A 86 27.73 1.49 14.19
CA ASN A 86 29.12 1.51 13.74
C ASN A 86 29.24 1.05 12.28
N GLN A 87 28.61 1.83 11.40
CA GLN A 87 28.43 1.48 10.00
C GLN A 87 29.20 2.42 9.10
N SER A 88 29.65 1.88 7.97
CA SER A 88 30.36 2.69 7.00
C SER A 88 29.42 3.71 6.36
N GLU A 89 29.93 4.94 6.18
CA GLU A 89 29.07 5.89 5.47
C GLU A 89 28.95 5.58 3.98
N ALA A 90 29.48 4.45 3.52
CA ALA A 90 29.38 4.06 2.11
C ALA A 90 28.11 3.28 1.81
N GLY A 91 27.69 2.39 2.72
CA GLY A 91 26.50 1.59 2.49
C GLY A 91 25.21 2.39 2.54
N SER A 92 24.22 1.93 1.80
CA SER A 92 22.90 2.55 1.83
C SER A 92 22.07 1.99 2.99
N HIS A 93 21.24 2.85 3.59
CA HIS A 93 20.42 2.42 4.71
C HIS A 93 19.04 3.04 4.62
N THR A 94 18.06 2.34 5.23
CA THR A 94 16.65 2.69 5.16
C THR A 94 16.07 2.80 6.56
N LEU A 95 15.32 3.87 6.79
CA LEU A 95 14.59 4.05 8.02
C LEU A 95 13.12 4.25 7.65
N GLN A 96 12.23 3.52 8.32
CA GLN A 96 10.81 3.59 8.00
C GLN A 96 10.04 3.83 9.27
N ARG A 97 8.98 4.63 9.17
CA ARG A 97 8.15 4.87 10.33
C ARG A 97 6.67 4.90 9.97
N MET A 98 5.85 4.34 10.85
CA MET A 98 4.41 4.45 10.75
C MET A 98 3.87 5.04 12.04
N TYR A 99 2.83 5.88 11.94
CA TYR A 99 2.22 6.40 13.16
C TYR A 99 0.85 6.99 12.84
N GLY A 100 -0.01 7.00 13.84
CA GLY A 100 -1.33 7.56 13.65
C GLY A 100 -2.35 7.07 14.66
N CYS A 101 -3.61 7.35 14.34
CA CYS A 101 -4.78 7.23 15.19
C CYS A 101 -5.67 6.07 14.75
N ASP A 102 -6.36 5.46 15.70
CA ASP A 102 -7.53 4.63 15.42
C ASP A 102 -8.71 5.17 16.20
N VAL A 103 -9.86 5.26 15.56
CA VAL A 103 -11.08 5.69 16.23
C VAL A 103 -12.21 4.73 15.89
N GLY A 104 -13.12 4.57 16.86
CA GLY A 104 -14.25 3.70 16.70
C GLY A 104 -15.31 4.30 15.79
N PRO A 105 -16.43 3.59 15.66
CA PRO A 105 -17.47 4.05 14.74
C PRO A 105 -18.18 5.29 15.25
N ASP A 106 -18.20 5.49 16.57
CA ASP A 106 -18.69 6.73 17.16
C ASP A 106 -17.59 7.80 17.27
N GLY A 107 -16.42 7.54 16.71
CA GLY A 107 -15.37 8.55 16.69
C GLY A 107 -14.59 8.75 17.96
N ARG A 108 -14.55 7.75 18.85
CA ARG A 108 -13.72 7.80 20.05
C ARG A 108 -12.39 7.12 19.79
N LEU A 109 -11.31 7.67 20.34
CA LEU A 109 -10.01 7.06 20.13
C LEU A 109 -10.00 5.62 20.64
N LEU A 110 -9.34 4.74 19.88
CA LEU A 110 -9.11 3.36 20.28
C LEU A 110 -7.65 3.05 20.59
N ARG A 111 -6.75 3.51 19.73
CA ARG A 111 -5.35 3.10 19.72
C ARG A 111 -4.52 4.18 19.05
N GLY A 112 -3.29 4.35 19.53
CA GLY A 112 -2.32 5.14 18.82
C GLY A 112 -1.22 4.21 18.36
N HIS A 113 -0.46 4.60 17.34
CA HIS A 113 0.56 3.72 16.82
C HIS A 113 1.79 4.53 16.48
N ASP A 114 2.95 3.93 16.67
CA ASP A 114 4.23 4.54 16.32
C ASP A 114 5.26 3.44 16.27
N GLN A 115 5.62 3.01 15.07
CA GLN A 115 6.58 1.95 14.88
C GLN A 115 7.61 2.36 13.85
N SER A 116 8.84 1.89 14.01
CA SER A 116 9.90 2.21 13.08
C SER A 116 10.70 0.96 12.76
N ALA A 117 11.15 0.87 11.51
CA ALA A 117 12.08 -0.16 11.08
C ALA A 117 13.34 0.48 10.50
N TYR A 118 14.45 -0.26 10.61
CA TYR A 118 15.77 0.15 10.11
C TYR A 118 16.34 -1.00 9.31
N ASP A 119 16.69 -0.74 8.05
CA ASP A 119 17.04 -1.79 7.09
C ASP A 119 16.06 -2.96 7.16
N GLY A 120 14.77 -2.63 7.11
CA GLY A 120 13.72 -3.62 7.14
C GLY A 120 13.44 -4.29 8.48
N LYS A 121 14.30 -4.15 9.49
CA LYS A 121 14.12 -4.84 10.76
C LYS A 121 13.43 -3.93 11.77
N ASP A 122 12.52 -4.50 12.55
CA ASP A 122 11.82 -3.74 13.59
C ASP A 122 12.81 -3.11 14.53
N TYR A 123 12.56 -1.85 14.88
CA TYR A 123 13.55 -1.07 15.61
C TYR A 123 13.00 -0.55 16.94
N ILE A 124 11.94 0.25 16.93
CA ILE A 124 11.28 0.69 18.14
C ILE A 124 9.79 0.82 17.87
N ALA A 125 8.98 0.55 18.89
CA ALA A 125 7.54 0.60 18.76
C ALA A 125 6.94 1.23 20.01
N LEU A 126 6.02 2.17 19.82
CA LEU A 126 5.26 2.71 20.95
C LEU A 126 4.33 1.65 21.53
N ASN A 127 4.21 1.63 22.86
CA ASN A 127 3.36 0.69 23.56
C ASN A 127 1.92 1.18 23.64
N GLU A 128 1.02 0.27 23.99
CA GLU A 128 -0.40 0.60 24.12
C GLU A 128 -0.62 1.80 25.04
N ASP A 129 0.14 1.90 26.12
CA ASP A 129 -0.09 3.06 26.98
C ASP A 129 0.35 4.38 26.35
N LEU A 130 0.94 4.33 25.15
CA LEU A 130 1.40 5.52 24.42
C LEU A 130 2.38 6.37 25.23
N SER A 131 3.10 5.75 26.17
CA SER A 131 3.96 6.52 27.06
C SER A 131 5.07 5.63 27.57
N SER A 132 5.52 4.71 26.74
CA SER A 132 6.65 3.82 26.99
C SER A 132 6.88 3.06 25.69
N TRP A 133 8.11 2.61 25.48
CA TRP A 133 8.53 2.05 24.21
C TRP A 133 9.14 0.67 24.40
N THR A 134 9.11 -0.10 23.33
CA THR A 134 9.77 -1.39 23.24
C THR A 134 10.84 -1.32 22.17
N ALA A 135 12.06 -1.71 22.53
CA ALA A 135 13.22 -1.55 21.68
C ALA A 135 13.69 -2.91 21.20
N ALA A 136 13.97 -3.02 19.91
CA ALA A 136 14.46 -4.29 19.39
C ALA A 136 15.87 -4.63 19.84
N ASP A 137 16.68 -3.66 20.28
CA ASP A 137 18.09 -3.96 20.60
C ASP A 137 18.69 -2.77 21.36
N THR A 138 20.00 -2.87 21.67
CA THR A 138 20.65 -1.82 22.47
C THR A 138 20.80 -0.52 21.69
N ALA A 139 20.96 -0.58 20.37
CA ALA A 139 20.87 0.65 19.60
C ALA A 139 19.54 1.37 19.85
N ALA A 140 18.42 0.66 19.67
CA ALA A 140 17.13 1.28 19.89
C ALA A 140 16.91 1.66 21.35
N GLN A 141 17.62 1.02 22.29
CA GLN A 141 17.52 1.46 23.68
C GLN A 141 18.06 2.88 23.85
N ILE A 142 19.08 3.24 23.06
CA ILE A 142 19.57 4.62 23.06
C ILE A 142 18.45 5.57 22.62
N THR A 143 17.78 5.24 21.51
CA THR A 143 16.66 6.05 21.05
C THR A 143 15.55 6.08 22.08
N GLN A 144 15.29 4.93 22.70
CA GLN A 144 14.26 4.85 23.71
C GLN A 144 14.57 5.79 24.89
N ARG A 145 15.82 5.78 25.37
CA ARG A 145 16.16 6.66 26.49
C ARG A 145 16.01 8.13 26.11
N LYS A 146 16.35 8.49 24.87
CA LYS A 146 16.19 9.89 24.46
C LYS A 146 14.72 10.27 24.39
N TRP A 147 13.93 9.42 23.74
CA TRP A 147 12.51 9.70 23.55
C TRP A 147 11.78 9.71 24.89
N GLU A 148 12.14 8.81 25.80
CA GLU A 148 11.47 8.75 27.10
C GLU A 148 11.91 9.86 28.04
N ALA A 149 13.13 10.39 27.89
CA ALA A 149 13.57 11.46 28.77
C ALA A 149 13.16 12.83 28.28
N ALA A 150 12.63 12.93 27.06
CA ALA A 150 12.42 14.22 26.43
C ALA A 150 11.45 15.05 27.24
N ARG A 151 11.69 16.37 27.28
CA ARG A 151 10.70 17.24 27.90
C ARG A 151 9.38 17.18 27.17
N GLU A 152 9.41 16.71 25.93
CA GLU A 152 8.28 16.73 25.03
C GLU A 152 7.45 15.44 25.07
N ALA A 153 7.84 14.47 25.91
CA ALA A 153 7.23 13.15 25.84
C ALA A 153 5.71 13.20 25.96
N GLU A 154 5.19 14.06 26.85
CA GLU A 154 3.75 14.19 27.00
C GLU A 154 3.09 14.73 25.75
N GLN A 155 3.74 15.66 25.06
CA GLN A 155 3.22 16.22 23.82
C GLN A 155 3.29 15.25 22.66
N TRP A 156 4.26 14.32 22.66
CA TRP A 156 4.20 13.19 21.73
C TRP A 156 2.89 12.43 21.88
N ARG A 157 2.60 11.99 23.12
CA ARG A 157 1.36 11.28 23.40
C ARG A 157 0.14 12.17 23.15
N ALA A 158 0.23 13.45 23.55
CA ALA A 158 -0.88 14.35 23.30
C ALA A 158 -1.19 14.49 21.82
N TYR A 159 -0.24 14.21 20.93
CA TYR A 159 -0.56 14.28 19.52
C TYR A 159 -1.50 13.13 19.13
N LEU A 160 -1.14 11.91 19.53
CA LEU A 160 -1.92 10.73 19.19
C LEU A 160 -3.30 10.79 19.83
N GLU A 161 -3.41 11.31 21.05
CA GLU A 161 -4.71 11.38 21.68
C GLU A 161 -5.45 12.66 21.36
N GLY A 162 -4.86 13.56 20.60
CA GLY A 162 -5.51 14.84 20.44
C GLY A 162 -5.57 15.27 19.00
N LEU A 163 -4.51 15.89 18.54
CA LEU A 163 -4.56 16.52 17.23
C LEU A 163 -4.77 15.49 16.15
N CYS A 164 -4.12 14.33 16.28
CA CYS A 164 -4.27 13.28 15.29
C CYS A 164 -5.71 12.80 15.22
N VAL A 165 -6.38 12.68 16.36
CA VAL A 165 -7.78 12.27 16.36
C VAL A 165 -8.67 13.37 15.76
N GLU A 166 -8.38 14.63 16.08
CA GLU A 166 -9.17 15.73 15.55
C GLU A 166 -9.11 15.78 14.03
N TRP A 167 -7.92 15.60 13.44
CA TRP A 167 -7.86 15.70 11.99
C TRP A 167 -8.52 14.49 11.34
N LEU A 168 -8.32 13.31 11.91
CA LEU A 168 -8.99 12.13 11.39
C LEU A 168 -10.50 12.36 11.32
N ARG A 169 -11.11 12.80 12.43
CA ARG A 169 -12.56 13.05 12.42
C ARG A 169 -12.91 14.11 11.38
N ARG A 170 -12.07 15.12 11.22
CA ARG A 170 -12.32 16.15 10.22
C ARG A 170 -12.29 15.56 8.82
N TYR A 171 -11.18 14.91 8.46
CA TYR A 171 -11.07 14.26 7.16
C TYR A 171 -12.27 13.36 6.88
N LEU A 172 -12.67 12.56 7.88
CA LEU A 172 -13.79 11.65 7.66
C LEU A 172 -15.07 12.37 7.35
N GLU A 173 -15.16 13.65 7.71
CA GLU A 173 -16.31 14.49 7.41
C GLU A 173 -16.15 15.16 6.04
N ASN A 174 -14.99 15.77 5.79
CA ASN A 174 -14.77 16.41 4.49
C ASN A 174 -14.99 15.45 3.33
N GLY A 175 -14.71 14.16 3.53
CA GLY A 175 -14.86 13.18 2.48
C GLY A 175 -15.75 12.04 2.91
N LYS A 176 -16.82 12.36 3.62
CA LYS A 176 -17.70 11.33 4.16
C LYS A 176 -18.29 10.46 3.05
N GLU A 177 -18.53 11.04 1.86
CA GLU A 177 -19.04 10.23 0.75
C GLU A 177 -17.99 9.23 0.26
N THR A 178 -16.88 9.75 -0.25
CA THR A 178 -15.61 9.04 -0.41
C THR A 178 -15.41 8.00 0.68
N LEU A 179 -15.15 8.44 1.91
CA LEU A 179 -14.47 7.64 2.93
C LEU A 179 -15.40 6.82 3.82
N GLN A 180 -16.69 7.13 3.86
CA GLN A 180 -17.58 6.43 4.77
C GLN A 180 -18.65 5.60 4.06
N ARG A 181 -18.54 5.44 2.75
CA ARG A 181 -19.45 4.56 2.01
C ARG A 181 -18.64 3.47 1.31
N ALA A 182 -18.66 2.26 1.89
CA ALA A 182 -18.01 1.13 1.24
C ALA A 182 -18.63 0.85 -0.13
N ASP A 183 -17.79 0.68 -1.15
CA ASP A 183 -18.24 0.29 -2.49
C ASP A 183 -18.17 -1.22 -2.62
N PRO A 184 -19.28 -1.92 -2.80
CA PRO A 184 -19.24 -3.37 -2.88
C PRO A 184 -18.56 -3.83 -4.17
N PRO A 185 -18.08 -5.08 -4.21
CA PRO A 185 -17.45 -5.59 -5.43
C PRO A 185 -18.49 -5.84 -6.52
N LYS A 186 -18.20 -5.34 -7.72
CA LYS A 186 -18.81 -5.90 -8.92
C LYS A 186 -18.22 -7.30 -9.14
N THR A 187 -19.09 -8.32 -9.18
CA THR A 187 -18.63 -9.70 -9.15
C THR A 187 -18.98 -10.42 -10.44
N HIS A 188 -18.07 -11.29 -10.89
CA HIS A 188 -18.25 -12.12 -12.07
C HIS A 188 -17.57 -13.46 -11.86
N VAL A 189 -18.10 -14.50 -12.51
CA VAL A 189 -17.37 -15.75 -12.65
C VAL A 189 -17.11 -15.97 -14.14
N THR A 190 -15.94 -16.50 -14.45
CA THR A 190 -15.52 -16.70 -15.82
C THR A 190 -14.99 -18.13 -15.95
N HIS A 191 -15.14 -18.69 -17.14
CA HIS A 191 -14.88 -20.10 -17.39
C HIS A 191 -13.69 -20.21 -18.33
N HIS A 192 -12.74 -21.07 -17.99
CA HIS A 192 -11.53 -21.22 -18.79
C HIS A 192 -11.17 -22.68 -18.93
N PRO A 193 -11.59 -23.32 -20.03
CA PRO A 193 -11.30 -24.75 -20.21
C PRO A 193 -9.80 -25.03 -20.24
N ILE A 194 -9.41 -26.10 -19.56
CA ILE A 194 -8.01 -26.49 -19.38
C ILE A 194 -7.64 -27.64 -20.29
N SER A 195 -8.49 -28.66 -20.33
CA SER A 195 -8.40 -29.75 -21.28
C SER A 195 -9.84 -30.11 -21.61
N ASP A 196 -10.08 -31.35 -21.99
CA ASP A 196 -11.45 -31.74 -22.27
C ASP A 196 -12.21 -32.08 -21.00
N HIS A 197 -11.53 -32.27 -19.87
CA HIS A 197 -12.17 -32.73 -18.66
C HIS A 197 -11.91 -31.85 -17.44
N GLU A 198 -11.33 -30.66 -17.64
CA GLU A 198 -11.03 -29.75 -16.54
C GLU A 198 -11.19 -28.31 -17.02
N ALA A 199 -11.86 -27.50 -16.22
CA ALA A 199 -11.97 -26.08 -16.50
C ALA A 199 -11.57 -25.32 -15.25
N THR A 200 -11.13 -24.08 -15.45
CA THR A 200 -10.82 -23.17 -14.34
C THR A 200 -12.00 -22.22 -14.16
N LEU A 201 -12.53 -22.17 -12.94
CA LEU A 201 -13.55 -21.20 -12.56
C LEU A 201 -12.87 -20.06 -11.80
N ARG A 202 -13.02 -18.83 -12.29
CA ARG A 202 -12.36 -17.69 -11.68
C ARG A 202 -13.42 -16.69 -11.21
N CYS A 203 -13.39 -16.41 -9.91
CA CYS A 203 -14.35 -15.53 -9.26
C CYS A 203 -13.73 -14.16 -9.13
N TRP A 204 -14.40 -13.15 -9.68
CA TRP A 204 -13.85 -11.80 -9.74
C TRP A 204 -14.57 -10.92 -8.74
N ALA A 205 -13.78 -10.14 -8.00
CA ALA A 205 -14.26 -9.04 -7.17
C ALA A 205 -13.55 -7.78 -7.66
N LEU A 206 -14.33 -6.77 -8.06
CA LEU A 206 -13.76 -5.61 -8.72
C LEU A 206 -14.43 -4.32 -8.24
N GLY A 207 -13.63 -3.26 -8.18
CA GLY A 207 -14.10 -1.94 -7.79
C GLY A 207 -14.48 -1.77 -6.35
N PHE A 208 -14.02 -2.62 -5.44
CA PHE A 208 -14.50 -2.52 -4.06
C PHE A 208 -13.58 -1.64 -3.22
N TYR A 209 -14.16 -1.06 -2.15
CA TYR A 209 -13.44 -0.29 -1.20
C TYR A 209 -14.22 -0.40 0.12
N PRO A 210 -13.56 -0.65 1.25
CA PRO A 210 -12.09 -0.79 1.42
C PRO A 210 -11.54 -2.14 0.92
N ALA A 211 -10.24 -2.35 1.12
CA ALA A 211 -9.57 -3.50 0.52
C ALA A 211 -9.96 -4.83 1.15
N GLU A 212 -10.36 -4.84 2.42
CA GLU A 212 -10.67 -6.09 3.09
C GLU A 212 -11.84 -6.79 2.41
N ILE A 213 -11.66 -8.08 2.11
CA ILE A 213 -12.62 -8.85 1.35
C ILE A 213 -12.30 -10.31 1.60
N THR A 214 -13.30 -11.18 1.44
CA THR A 214 -13.08 -12.61 1.53
C THR A 214 -13.75 -13.27 0.33
N LEU A 215 -13.02 -14.14 -0.35
CA LEU A 215 -13.50 -14.91 -1.50
C LEU A 215 -13.25 -16.37 -1.19
N THR A 216 -14.34 -17.13 -1.04
CA THR A 216 -14.26 -18.56 -0.79
C THR A 216 -14.92 -19.30 -1.94
N TRP A 217 -14.33 -20.43 -2.34
CA TRP A 217 -14.95 -21.35 -3.28
C TRP A 217 -15.53 -22.54 -2.53
N GLN A 218 -16.79 -22.87 -2.81
CA GLN A 218 -17.44 -24.02 -2.19
C GLN A 218 -17.84 -25.03 -3.25
N ARG A 219 -17.27 -26.24 -3.17
CA ARG A 219 -17.77 -27.40 -3.91
C ARG A 219 -18.91 -27.97 -3.09
N ASP A 220 -20.11 -27.88 -3.64
CA ASP A 220 -21.30 -28.20 -2.87
C ASP A 220 -21.28 -27.40 -1.58
N GLY A 221 -21.30 -28.10 -0.44
CA GLY A 221 -21.49 -27.39 0.80
C GLY A 221 -20.22 -26.82 1.38
N GLU A 222 -19.10 -27.51 1.18
CA GLU A 222 -17.88 -27.24 1.93
C GLU A 222 -16.87 -26.47 1.09
N ASP A 223 -15.81 -26.02 1.76
CA ASP A 223 -14.87 -25.06 1.20
C ASP A 223 -13.72 -25.77 0.50
N GLN A 224 -13.48 -25.40 -0.75
CA GLN A 224 -12.36 -25.93 -1.51
C GLN A 224 -11.05 -25.26 -1.13
N THR A 225 -10.86 -25.04 0.16
CA THR A 225 -9.87 -24.06 0.59
C THR A 225 -8.45 -24.45 0.22
N GLN A 226 -8.15 -25.75 0.07
CA GLN A 226 -6.81 -26.16 -0.31
C GLN A 226 -6.62 -26.24 -1.82
N ASP A 227 -7.70 -26.18 -2.60
CA ASP A 227 -7.61 -26.18 -4.06
C ASP A 227 -7.90 -24.82 -4.68
N THR A 228 -7.89 -23.75 -3.88
CA THR A 228 -8.28 -22.42 -4.35
C THR A 228 -7.03 -21.57 -4.57
N GLU A 229 -6.86 -21.10 -5.80
CA GLU A 229 -5.81 -20.12 -6.07
C GLU A 229 -6.37 -18.72 -5.78
N LEU A 230 -5.68 -17.99 -4.91
CA LEU A 230 -6.03 -16.61 -4.57
C LEU A 230 -4.86 -15.70 -4.91
N VAL A 231 -5.11 -14.62 -5.63
CA VAL A 231 -4.10 -13.60 -5.75
C VAL A 231 -4.30 -12.57 -4.65
N GLU A 232 -3.26 -11.81 -4.39
CA GLU A 232 -3.35 -10.73 -3.42
C GLU A 232 -4.29 -9.64 -3.92
N THR A 233 -5.13 -9.13 -3.01
CA THR A 233 -5.86 -7.88 -3.24
C THR A 233 -4.93 -6.84 -3.82
N ARG A 234 -5.43 -6.08 -4.79
CA ARG A 234 -4.55 -5.28 -5.62
C ARG A 234 -5.27 -4.01 -6.05
N PRO A 235 -4.53 -2.90 -6.20
CA PRO A 235 -5.19 -1.62 -6.47
C PRO A 235 -5.60 -1.50 -7.93
N ALA A 236 -6.83 -1.02 -8.16
CA ALA A 236 -7.29 -0.83 -9.52
C ALA A 236 -6.65 0.38 -10.17
N GLY A 237 -6.06 1.28 -9.38
CA GLY A 237 -5.51 2.51 -9.88
C GLY A 237 -6.42 3.71 -9.71
N ASP A 238 -7.65 3.48 -9.26
CA ASP A 238 -8.67 4.53 -9.13
C ASP A 238 -9.18 4.65 -7.70
N ARG A 239 -8.42 4.16 -6.72
CA ARG A 239 -8.71 4.10 -5.28
C ARG A 239 -9.59 2.92 -4.89
N THR A 240 -9.93 2.04 -5.82
CA THR A 240 -10.62 0.81 -5.45
C THR A 240 -9.68 -0.37 -5.67
N PHE A 241 -10.21 -1.58 -5.42
CA PHE A 241 -9.38 -2.78 -5.37
C PHE A 241 -10.02 -3.90 -6.17
N GLN A 242 -9.18 -4.87 -6.55
CA GLN A 242 -9.61 -6.07 -7.25
C GLN A 242 -9.02 -7.29 -6.56
N LYS A 243 -9.66 -8.44 -6.78
CA LYS A 243 -9.16 -9.72 -6.30
C LYS A 243 -9.92 -10.83 -7.01
N TRP A 244 -9.26 -11.98 -7.15
CA TRP A 244 -9.95 -13.11 -7.76
C TRP A 244 -9.50 -14.40 -7.09
N ALA A 245 -10.40 -15.38 -7.14
CA ALA A 245 -10.17 -16.71 -6.58
C ALA A 245 -10.56 -17.73 -7.64
N ALA A 246 -9.80 -18.80 -7.74
CA ALA A 246 -9.98 -19.71 -8.87
C ALA A 246 -9.79 -21.15 -8.41
N VAL A 247 -10.49 -22.05 -9.09
CA VAL A 247 -10.48 -23.46 -8.75
C VAL A 247 -10.61 -24.24 -10.05
N VAL A 248 -10.01 -25.42 -10.09
CA VAL A 248 -10.10 -26.32 -11.23
C VAL A 248 -11.17 -27.36 -10.95
N VAL A 249 -12.07 -27.55 -11.92
CA VAL A 249 -13.30 -28.32 -11.71
C VAL A 249 -13.38 -29.37 -12.79
N PRO A 250 -14.13 -30.45 -12.55
CA PRO A 250 -14.39 -31.39 -13.63
C PRO A 250 -15.25 -30.71 -14.69
N SER A 251 -14.84 -30.87 -15.94
CA SER A 251 -15.45 -30.14 -17.04
C SER A 251 -16.96 -30.23 -17.10
N GLY A 252 -17.55 -31.36 -16.69
CA GLY A 252 -18.99 -31.38 -16.72
C GLY A 252 -19.69 -30.71 -15.55
N GLU A 253 -19.00 -30.53 -14.43
CA GLU A 253 -19.65 -30.38 -13.14
C GLU A 253 -19.59 -28.96 -12.56
N GLU A 254 -19.71 -27.93 -13.41
CA GLU A 254 -19.45 -26.57 -12.93
C GLU A 254 -20.41 -26.15 -11.82
N GLN A 255 -21.64 -26.65 -11.83
CA GLN A 255 -22.65 -26.19 -10.89
C GLN A 255 -22.42 -26.67 -9.47
N ARG A 256 -21.57 -27.68 -9.26
CA ARG A 256 -21.25 -28.03 -7.88
C ARG A 256 -20.53 -26.90 -7.14
N TYR A 257 -20.15 -25.83 -7.83
CA TYR A 257 -19.18 -24.87 -7.34
C TYR A 257 -19.80 -23.49 -7.17
N THR A 258 -19.64 -22.93 -5.98
CA THR A 258 -20.09 -21.57 -5.68
C THR A 258 -18.95 -20.74 -5.11
N CYS A 259 -19.00 -19.45 -5.41
CA CYS A 259 -18.06 -18.47 -4.88
C CYS A 259 -18.78 -17.60 -3.86
N HIS A 260 -18.17 -17.44 -2.69
CA HIS A 260 -18.79 -16.71 -1.58
C HIS A 260 -18.01 -15.42 -1.33
N VAL A 261 -18.70 -14.30 -1.40
CA VAL A 261 -18.09 -12.98 -1.34
C VAL A 261 -18.61 -12.26 -0.11
N GLN A 262 -17.70 -11.86 0.78
CA GLN A 262 -18.04 -10.98 1.89
C GLN A 262 -17.24 -9.69 1.76
N HIS A 263 -17.93 -8.58 1.95
CA HIS A 263 -17.32 -7.27 1.91
C HIS A 263 -18.21 -6.30 2.68
N GLU A 264 -17.57 -5.34 3.35
CA GLU A 264 -18.29 -4.34 4.14
C GLU A 264 -19.42 -3.67 3.36
N GLY A 265 -19.25 -3.52 2.05
CA GLY A 265 -20.29 -2.93 1.25
C GLY A 265 -21.40 -3.86 0.84
N LEU A 266 -21.40 -5.11 1.28
CA LEU A 266 -22.44 -6.04 0.89
C LEU A 266 -23.39 -6.29 2.04
N PRO A 267 -24.70 -6.01 1.85
CA PRO A 267 -25.72 -6.32 2.87
C PRO A 267 -25.53 -7.69 3.51
N LYS A 268 -25.67 -8.71 2.71
CA LYS A 268 -25.37 -10.12 3.09
C LYS A 268 -24.29 -10.61 2.14
N PRO A 269 -23.63 -11.71 2.51
CA PRO A 269 -22.69 -12.35 1.57
C PRO A 269 -23.37 -12.60 0.23
N LEU A 270 -22.57 -12.59 -0.82
CA LEU A 270 -23.02 -13.01 -2.14
C LEU A 270 -22.60 -14.45 -2.36
N THR A 271 -23.33 -15.09 -3.28
CA THR A 271 -22.94 -16.40 -3.79
C THR A 271 -23.12 -16.37 -5.29
N LEU A 272 -22.06 -16.73 -6.02
CA LEU A 272 -22.10 -16.74 -7.47
C LEU A 272 -21.86 -18.16 -7.95
N ARG A 273 -22.47 -18.49 -9.08
CA ARG A 273 -22.19 -19.68 -9.85
C ARG A 273 -21.84 -19.26 -11.26
N TRP A 274 -21.27 -20.18 -12.01
CA TRP A 274 -20.98 -19.90 -13.40
C TRP A 274 -22.26 -19.97 -14.23
N GLU A 275 -22.61 -18.87 -14.86
CA GLU A 275 -23.80 -18.75 -15.70
C GLU A 275 -23.34 -18.74 -17.15
N PRO A 276 -23.37 -19.87 -17.86
CA PRO A 276 -22.89 -19.89 -19.24
C PRO A 276 -23.82 -19.06 -20.13
N SER A 277 -23.20 -18.24 -20.97
CA SER A 277 -23.87 -17.40 -21.96
C SER A 277 -22.81 -16.49 -22.57
N MET B 1 21.71 -8.10 4.92
CA MET B 1 20.51 -7.56 5.55
C MET B 1 19.26 -7.94 4.76
N ILE B 2 18.11 -7.39 5.19
CA ILE B 2 16.85 -7.74 4.58
C ILE B 2 16.90 -7.40 3.10
N GLN B 3 16.71 -8.43 2.26
CA GLN B 3 16.49 -8.27 0.83
C GLN B 3 15.34 -9.19 0.43
N ARG B 4 14.25 -8.61 -0.07
CA ARG B 4 13.02 -9.32 -0.33
C ARG B 4 12.65 -9.17 -1.79
N THR B 5 12.45 -10.31 -2.47
CA THR B 5 12.14 -10.34 -3.90
C THR B 5 10.76 -9.77 -4.19
N PRO B 6 10.60 -8.91 -5.21
CA PRO B 6 9.28 -8.34 -5.49
C PRO B 6 8.30 -9.36 -6.06
N LYS B 7 7.06 -9.24 -5.61
CA LYS B 7 5.94 -9.90 -6.24
C LYS B 7 5.42 -8.97 -7.32
N ILE B 8 4.89 -9.55 -8.38
CA ILE B 8 4.44 -8.79 -9.54
C ILE B 8 3.08 -9.29 -10.00
N GLN B 9 2.19 -8.35 -10.30
CA GLN B 9 0.90 -8.64 -10.91
C GLN B 9 0.70 -7.66 -12.06
N VAL B 10 0.28 -8.16 -13.22
CA VAL B 10 -0.03 -7.34 -14.39
C VAL B 10 -1.49 -7.56 -14.73
N TYR B 11 -2.21 -6.49 -15.03
CA TYR B 11 -3.66 -6.55 -15.13
C TYR B 11 -4.14 -5.18 -15.58
N SER B 12 -5.38 -5.12 -16.03
CA SER B 12 -5.99 -3.87 -16.45
C SER B 12 -6.92 -3.36 -15.35
N ARG B 13 -7.19 -2.05 -15.40
CA ARG B 13 -8.17 -1.49 -14.49
C ARG B 13 -9.54 -2.10 -14.72
N HIS B 14 -10.02 -2.04 -15.95
CA HIS B 14 -11.33 -2.60 -16.32
C HIS B 14 -11.16 -3.86 -17.15
N PRO B 15 -12.18 -4.72 -17.18
CA PRO B 15 -12.13 -5.88 -18.07
C PRO B 15 -11.76 -5.50 -19.50
N ALA B 16 -10.70 -6.14 -20.00
CA ALA B 16 -10.14 -5.83 -21.31
C ALA B 16 -11.18 -5.97 -22.42
N GLU B 17 -11.50 -4.87 -23.08
CA GLU B 17 -12.37 -4.90 -24.24
C GLU B 17 -11.57 -4.38 -25.44
N ASN B 18 -11.35 -5.26 -26.42
CA ASN B 18 -10.56 -4.90 -27.58
C ASN B 18 -11.10 -3.63 -28.20
N GLY B 19 -10.23 -2.64 -28.38
CA GLY B 19 -10.59 -1.36 -28.93
C GLY B 19 -10.94 -0.29 -27.92
N LYS B 20 -11.62 -0.64 -26.83
CA LYS B 20 -11.97 0.38 -25.83
C LYS B 20 -10.76 0.72 -24.97
N SER B 21 -10.73 1.98 -24.52
CA SER B 21 -9.60 2.47 -23.75
C SER B 21 -9.65 1.94 -22.31
N ASN B 22 -8.47 1.89 -21.69
CA ASN B 22 -8.33 1.22 -20.41
C ASN B 22 -7.06 1.72 -19.71
N PHE B 23 -6.63 0.97 -18.70
CA PHE B 23 -5.42 1.28 -17.95
C PHE B 23 -4.68 -0.02 -17.71
N LEU B 24 -3.40 -0.03 -18.01
CA LEU B 24 -2.55 -1.18 -17.77
C LEU B 24 -1.77 -0.97 -16.46
N ASN B 25 -1.88 -1.94 -15.56
CA ASN B 25 -1.29 -1.84 -14.22
C ASN B 25 -0.20 -2.88 -14.05
N CYS B 26 0.92 -2.45 -13.47
CA CYS B 26 1.92 -3.38 -12.97
C CYS B 26 2.08 -3.10 -11.48
N TYR B 27 1.62 -4.03 -10.65
CA TYR B 27 1.65 -3.88 -9.19
C TYR B 27 2.80 -4.73 -8.67
N VAL B 28 3.79 -4.09 -8.06
CA VAL B 28 4.94 -4.79 -7.46
C VAL B 28 4.92 -4.51 -5.96
N SER B 29 5.23 -5.54 -5.17
CA SER B 29 5.05 -5.45 -3.72
C SER B 29 5.95 -6.45 -3.01
N GLY B 30 6.02 -6.32 -1.69
CA GLY B 30 6.75 -7.30 -0.94
C GLY B 30 8.24 -7.25 -1.13
N PHE B 31 8.77 -6.09 -1.56
CA PHE B 31 10.19 -5.96 -1.86
C PHE B 31 10.88 -4.99 -0.89
N HIS B 32 12.15 -5.28 -0.64
CA HIS B 32 13.03 -4.55 0.21
C HIS B 32 14.41 -4.84 -0.36
N PRO B 33 15.25 -3.81 -0.57
CA PRO B 33 14.92 -2.41 -0.30
C PRO B 33 14.10 -1.79 -1.42
N SER B 34 13.89 -0.48 -1.35
CA SER B 34 12.90 0.19 -2.17
C SER B 34 13.38 0.53 -3.56
N ASP B 35 14.68 0.47 -3.82
CA ASP B 35 15.19 0.77 -5.15
C ASP B 35 14.77 -0.32 -6.11
N ILE B 36 14.05 0.08 -7.17
CA ILE B 36 13.47 -0.87 -8.10
C ILE B 36 13.17 -0.11 -9.37
N GLU B 37 13.16 -0.81 -10.49
CA GLU B 37 12.79 -0.15 -11.73
C GLU B 37 11.86 -1.06 -12.51
N VAL B 38 10.93 -0.42 -13.20
CA VAL B 38 9.89 -1.14 -13.90
C VAL B 38 9.39 -0.27 -15.03
N ASP B 39 9.27 -0.89 -16.21
CA ASP B 39 8.63 -0.28 -17.37
C ASP B 39 7.54 -1.21 -17.87
N LEU B 40 6.50 -0.60 -18.42
CA LEU B 40 5.50 -1.34 -19.17
C LEU B 40 5.98 -1.48 -20.60
N LEU B 41 5.61 -2.58 -21.24
CA LEU B 41 6.07 -2.88 -22.59
C LEU B 41 4.87 -3.01 -23.52
N LYS B 42 4.97 -2.44 -24.73
CA LYS B 42 4.02 -2.69 -25.81
C LYS B 42 4.78 -3.46 -26.87
N ASN B 43 4.41 -4.72 -27.06
CA ASN B 43 5.03 -5.60 -28.05
C ASN B 43 6.52 -5.79 -27.82
N GLY B 44 7.08 -5.19 -26.77
CA GLY B 44 8.45 -5.47 -26.43
C GLY B 44 9.28 -4.23 -26.20
N GLU B 45 8.72 -3.06 -26.51
CA GLU B 45 9.41 -1.79 -26.31
C GLU B 45 8.69 -0.95 -25.25
N ARG B 46 9.48 -0.27 -24.41
CA ARG B 46 8.99 0.53 -23.29
C ARG B 46 7.87 1.49 -23.68
N ILE B 47 7.03 1.83 -22.71
CA ILE B 47 5.94 2.79 -22.90
C ILE B 47 6.39 4.14 -22.37
N GLU B 48 6.01 5.20 -23.09
CA GLU B 48 6.33 6.56 -22.69
C GLU B 48 5.36 7.04 -21.61
N LYS B 49 5.85 7.93 -20.73
CA LYS B 49 5.01 8.50 -19.68
C LYS B 49 4.24 7.43 -18.90
N VAL B 50 4.91 6.72 -17.99
CA VAL B 50 4.27 5.80 -17.05
C VAL B 50 4.32 6.45 -15.67
N GLU B 51 3.16 6.80 -15.15
CA GLU B 51 3.07 7.31 -13.79
C GLU B 51 3.14 6.15 -12.78
N HIS B 52 3.25 6.50 -11.49
CA HIS B 52 3.28 5.49 -10.46
C HIS B 52 2.89 6.09 -9.12
N SER B 53 2.35 5.25 -8.25
CA SER B 53 1.90 5.67 -6.94
C SER B 53 3.10 6.02 -6.07
N ASP B 54 2.84 6.80 -5.03
CA ASP B 54 3.94 7.17 -4.15
C ASP B 54 4.32 6.01 -3.26
N LEU B 55 5.62 5.89 -3.02
CA LEU B 55 6.21 4.81 -2.22
C LEU B 55 5.51 4.67 -0.90
N SER B 56 5.01 3.47 -0.63
CA SER B 56 4.38 3.12 0.63
C SER B 56 4.87 1.73 1.02
N PHE B 57 4.35 1.21 2.13
CA PHE B 57 4.81 -0.11 2.54
C PHE B 57 3.77 -0.77 3.41
N SER B 58 3.91 -2.07 3.56
CA SER B 58 2.92 -2.92 4.16
C SER B 58 3.27 -3.10 5.63
N LYS B 59 2.52 -3.94 6.35
CA LYS B 59 2.69 -4.05 7.79
C LYS B 59 4.00 -4.74 8.17
N ASP B 60 4.58 -5.58 7.30
CA ASP B 60 5.86 -6.21 7.59
C ASP B 60 7.03 -5.42 7.01
N TRP B 61 6.80 -4.17 6.61
CA TRP B 61 7.73 -3.13 6.13
C TRP B 61 8.12 -3.28 4.67
N SER B 62 7.62 -4.27 3.95
CA SER B 62 7.90 -4.41 2.53
C SER B 62 7.24 -3.30 1.74
N PHE B 63 7.88 -2.87 0.66
CA PHE B 63 7.35 -1.77 -0.13
C PHE B 63 6.34 -2.24 -1.19
N TYR B 64 5.59 -1.28 -1.73
CA TYR B 64 4.74 -1.55 -2.87
C TYR B 64 4.58 -0.28 -3.70
N LEU B 65 4.35 -0.49 -4.99
CA LEU B 65 4.24 0.55 -6.00
C LEU B 65 3.32 0.05 -7.10
N LEU B 66 2.50 0.96 -7.61
CA LEU B 66 1.61 0.66 -8.74
C LEU B 66 2.06 1.47 -9.96
N TYR B 67 2.59 0.78 -10.96
CA TYR B 67 2.94 1.40 -12.24
C TYR B 67 1.79 1.22 -13.22
N TYR B 68 1.42 2.29 -13.90
CA TYR B 68 0.25 2.25 -14.77
C TYR B 68 0.47 3.17 -15.96
N THR B 69 -0.40 3.00 -16.96
CA THR B 69 -0.46 3.86 -18.13
C THR B 69 -1.80 3.65 -18.81
N GLU B 70 -2.22 4.66 -19.56
CA GLU B 70 -3.37 4.47 -20.44
C GLU B 70 -2.97 3.59 -21.60
N PHE B 71 -3.87 2.70 -22.00
CA PHE B 71 -3.59 1.85 -23.16
C PHE B 71 -4.92 1.41 -23.74
N THR B 72 -4.85 0.84 -24.94
CA THR B 72 -6.04 0.29 -25.59
C THR B 72 -5.77 -1.15 -26.03
N PRO B 73 -6.42 -2.13 -25.42
CA PRO B 73 -6.14 -3.53 -25.77
C PRO B 73 -6.57 -3.84 -27.20
N THR B 74 -5.68 -4.47 -27.94
CA THR B 74 -6.00 -5.06 -29.22
C THR B 74 -5.92 -6.57 -29.08
N GLU B 75 -6.52 -7.27 -30.04
CA GLU B 75 -6.39 -8.72 -30.06
C GLU B 75 -4.95 -9.18 -30.26
N LYS B 76 -4.06 -8.27 -30.65
CA LYS B 76 -2.76 -8.59 -31.22
C LYS B 76 -1.58 -8.01 -30.46
N ASP B 77 -1.71 -6.83 -29.86
CA ASP B 77 -0.60 -6.23 -29.13
C ASP B 77 -0.35 -6.97 -27.83
N GLU B 78 0.90 -7.35 -27.61
CA GLU B 78 1.32 -7.92 -26.34
C GLU B 78 1.81 -6.80 -25.42
N TYR B 79 1.20 -6.68 -24.25
CA TYR B 79 1.68 -5.79 -23.21
C TYR B 79 2.31 -6.60 -22.10
N ALA B 80 3.26 -6.00 -21.40
CA ALA B 80 3.96 -6.70 -20.33
C ALA B 80 4.52 -5.69 -19.35
N CYS B 81 5.20 -6.23 -18.34
CA CYS B 81 5.81 -5.43 -17.29
C CYS B 81 7.21 -5.98 -17.05
N ARG B 82 8.22 -5.11 -17.08
CA ARG B 82 9.62 -5.48 -16.92
C ARG B 82 10.17 -4.86 -15.63
N VAL B 83 10.60 -5.69 -14.70
CA VAL B 83 10.92 -5.27 -13.34
C VAL B 83 12.34 -5.70 -13.00
N ASN B 84 13.12 -4.80 -12.41
CA ASN B 84 14.43 -5.15 -11.90
C ASN B 84 14.63 -4.58 -10.52
N HIS B 85 15.53 -5.23 -9.76
CA HIS B 85 15.67 -5.11 -8.32
C HIS B 85 16.87 -5.94 -7.89
N VAL B 86 17.51 -5.58 -6.78
CA VAL B 86 18.77 -6.23 -6.41
C VAL B 86 18.58 -7.72 -6.18
N THR B 87 17.36 -8.15 -5.84
CA THR B 87 17.17 -9.57 -5.56
C THR B 87 17.10 -10.40 -6.83
N LEU B 88 16.96 -9.78 -8.01
CA LEU B 88 16.78 -10.49 -9.26
C LEU B 88 18.10 -10.64 -10.01
N SER B 89 18.32 -11.86 -10.55
CA SER B 89 19.53 -12.13 -11.32
C SER B 89 19.53 -11.36 -12.64
N GLN B 90 18.35 -11.15 -13.22
CA GLN B 90 18.22 -10.32 -14.40
C GLN B 90 16.79 -9.81 -14.47
N PRO B 91 16.53 -8.75 -15.23
CA PRO B 91 15.17 -8.19 -15.29
C PRO B 91 14.13 -9.25 -15.57
N LYS B 92 13.09 -9.27 -14.73
CA LYS B 92 11.98 -10.19 -14.89
C LYS B 92 10.87 -9.53 -15.70
N ILE B 93 10.35 -10.24 -16.70
CA ILE B 93 9.24 -9.76 -17.53
C ILE B 93 8.01 -10.59 -17.19
N VAL B 94 6.91 -9.92 -16.88
CA VAL B 94 5.63 -10.58 -16.66
C VAL B 94 4.70 -10.15 -17.79
N LYS B 95 4.24 -11.12 -18.58
CA LYS B 95 3.35 -10.84 -19.69
C LYS B 95 1.97 -10.49 -19.15
N TRP B 96 1.30 -9.56 -19.81
CA TRP B 96 -0.09 -9.28 -19.47
C TRP B 96 -1.00 -10.36 -20.04
N ASP B 97 -1.98 -10.77 -19.25
CA ASP B 97 -2.98 -11.76 -19.65
C ASP B 97 -4.34 -11.23 -19.20
N ARG B 98 -5.21 -10.95 -20.16
CA ARG B 98 -6.47 -10.26 -19.85
C ARG B 98 -7.39 -11.07 -18.96
N ASP B 99 -7.12 -12.36 -18.78
CA ASP B 99 -7.93 -13.23 -17.94
C ASP B 99 -7.47 -13.27 -16.49
N MET B 100 -6.43 -12.51 -16.14
CA MET B 100 -5.89 -12.57 -14.80
C MET B 100 -5.60 -11.16 -14.28
N ALA C 1 -3.21 15.37 9.61
CA ALA C 1 -2.07 16.29 9.79
C ALA C 1 -0.90 15.64 10.55
N GLN C 2 0.33 15.90 10.12
CA GLN C 2 1.49 15.24 10.71
C GLN C 2 1.76 15.75 12.13
N ASP C 3 2.48 14.94 12.90
CA ASP C 3 3.01 15.37 14.19
C ASP C 3 4.43 15.90 14.01
N ILE C 4 4.66 17.18 14.34
CA ILE C 4 6.00 17.72 14.23
C ILE C 4 6.97 16.97 15.14
N TYR C 5 6.48 16.41 16.26
CA TYR C 5 7.41 15.77 17.20
C TYR C 5 8.03 14.51 16.64
N ARG C 6 7.52 14.02 15.52
CA ARG C 6 8.05 12.81 14.93
C ARG C 6 9.06 13.14 13.85
N ALA C 7 9.48 14.40 13.81
CA ALA C 7 10.75 14.81 13.23
C ALA C 7 11.88 14.73 14.23
N SER C 8 11.60 14.52 15.52
CA SER C 8 12.65 14.42 16.53
C SER C 8 13.69 13.37 16.14
N TYR C 9 14.93 13.62 16.53
CA TYR C 9 16.01 12.75 16.12
C TYR C 9 15.90 11.38 16.76
N TYR C 10 16.20 10.36 16.00
CA TYR C 10 16.48 9.09 16.60
C TYR C 10 17.77 9.24 17.39
#